data_7LBJ
#
_entry.id   7LBJ
#
_cell.length_a   52.060
_cell.length_b   60.330
_cell.length_c   164.360
_cell.angle_alpha   90.000
_cell.angle_beta   90.000
_cell.angle_gamma   90.000
#
_symmetry.space_group_name_H-M   'P 21 21 21'
#
loop_
_entity.id
_entity.type
_entity.pdbx_description
1 polymer Geranyltranstransferase
2 non-polymer 'CHLORIDE ION'
3 non-polymer 1,2-ETHANEDIOL
4 water water
#
_entity_poly.entity_id   1
_entity_poly.type   'polypeptide(L)'
_entity_poly.pdbx_seq_one_letter_code
;MAHHHHHHMTAEVLFARWRDRIESQLDAALPSPAEAPQRLHQAMRYSVLGGGKRMRPLLVYASGHLFGTQPESLDAAAMS
VELIHAYSLVHDDLPAMDDDALRRGKPTTHVAFDEATAILAGDALQTRAFGLLADAPLPATLRVACLQTLAHASGASGMC
GGQALDIDATGQQQTLAALTRMHALKTGALIRAAVRMGALCGQAHEPQLAQLDSFADALGLAFQVRDDILDVEASSEQLG
KTAGKDQAQDKSTFPALLGMDGAKAQLHELAARMQSILARYGEEADALRALATLAVERDH
;
_entity_poly.pdbx_strand_id   A,B
#
loop_
_chem_comp.id
_chem_comp.type
_chem_comp.name
_chem_comp.formula
CL non-polymer 'CHLORIDE ION' 'Cl -1'
EDO non-polymer 1,2-ETHANEDIOL 'C2 H6 O2'
#
# COMPACT_ATOMS: atom_id res chain seq x y z
N HIS A 8 -36.84 -1.22 13.13
CA HIS A 8 -35.39 -1.06 13.02
C HIS A 8 -34.68 -2.26 13.64
N MET A 9 -33.70 -2.82 12.91
CA MET A 9 -32.93 -3.95 13.41
C MET A 9 -32.02 -3.52 14.56
N THR A 10 -31.88 -4.40 15.56
CA THR A 10 -31.03 -4.09 16.70
C THR A 10 -29.56 -4.09 16.29
N ALA A 11 -28.73 -3.51 17.14
CA ALA A 11 -27.30 -3.50 16.88
C ALA A 11 -26.77 -4.92 16.77
N GLU A 12 -27.25 -5.83 17.63
CA GLU A 12 -26.74 -7.20 17.62
C GLU A 12 -27.02 -7.88 16.28
N VAL A 13 -28.23 -7.69 15.74
CA VAL A 13 -28.58 -8.27 14.44
C VAL A 13 -27.76 -7.63 13.33
N LEU A 14 -27.59 -6.31 13.37
CA LEU A 14 -26.77 -5.61 12.38
C LEU A 14 -25.34 -6.10 12.38
N PHE A 15 -24.75 -6.26 13.58
CA PHE A 15 -23.35 -6.69 13.63
C PHE A 15 -23.18 -8.09 13.04
N ALA A 16 -24.10 -9.00 13.33
CA ALA A 16 -24.05 -10.32 12.71
C ALA A 16 -24.19 -10.23 11.19
N ARG A 17 -25.14 -9.43 10.71
CA ARG A 17 -25.34 -9.28 9.27
CA ARG A 17 -25.34 -9.28 9.28
C ARG A 17 -24.10 -8.70 8.60
N TRP A 18 -23.48 -7.68 9.21
CA TRP A 18 -22.31 -7.05 8.61
C TRP A 18 -21.07 -7.93 8.71
N ARG A 19 -20.92 -8.69 9.80
CA ARG A 19 -19.80 -9.64 9.88
C ARG A 19 -19.92 -10.75 8.83
N ASP A 20 -21.14 -11.24 8.59
CA ASP A 20 -21.32 -12.20 7.50
C ASP A 20 -21.05 -11.55 6.16
N ARG A 21 -21.55 -10.32 5.98
CA ARG A 21 -21.39 -9.63 4.71
C ARG A 21 -19.92 -9.41 4.38
N ILE A 22 -19.14 -8.93 5.36
CA ILE A 22 -17.74 -8.63 5.07
C ILE A 22 -16.95 -9.92 4.82
N GLU A 23 -17.31 -11.02 5.51
CA GLU A 23 -16.68 -12.30 5.21
C GLU A 23 -16.89 -12.70 3.75
N SER A 24 -18.13 -12.59 3.28
CA SER A 24 -18.44 -12.97 1.90
CA SER A 24 -18.45 -12.98 1.91
C SER A 24 -17.80 -12.04 0.90
N GLN A 25 -17.76 -10.74 1.21
CA GLN A 25 -17.18 -9.77 0.29
C GLN A 25 -15.69 -9.97 0.16
N LEU A 26 -15.00 -10.17 1.30
CA LEU A 26 -13.57 -10.40 1.26
C LEU A 26 -13.24 -11.69 0.52
N ASP A 27 -14.03 -12.74 0.73
CA ASP A 27 -13.76 -14.00 0.03
C ASP A 27 -13.87 -13.80 -1.48
N ALA A 28 -14.85 -13.02 -1.94
CA ALA A 28 -14.99 -12.80 -3.37
C ALA A 28 -13.93 -11.84 -3.90
N ALA A 29 -13.42 -10.94 -3.05
CA ALA A 29 -12.45 -9.92 -3.48
C ALA A 29 -11.00 -10.41 -3.54
N LEU A 30 -10.68 -11.49 -2.89
CA LEU A 30 -9.31 -11.96 -2.90
C LEU A 30 -9.08 -13.01 -3.98
N PRO A 31 -7.87 -13.09 -4.55
CA PRO A 31 -7.58 -14.10 -5.57
C PRO A 31 -7.75 -15.51 -5.03
N SER A 32 -8.07 -16.43 -5.94
CA SER A 32 -8.32 -17.80 -5.55
C SER A 32 -7.02 -18.49 -5.16
N PRO A 33 -7.05 -19.38 -4.17
CA PRO A 33 -5.84 -20.15 -3.83
C PRO A 33 -5.40 -21.10 -4.93
N ALA A 34 -6.24 -21.36 -5.92
CA ALA A 34 -5.84 -22.24 -7.02
C ALA A 34 -5.13 -21.50 -8.15
N GLU A 35 -5.29 -20.19 -8.25
CA GLU A 35 -4.55 -19.41 -9.23
C GLU A 35 -3.11 -19.20 -8.75
N ALA A 36 -2.14 -19.46 -9.63
CA ALA A 36 -0.76 -19.14 -9.31
C ALA A 36 -0.58 -17.62 -9.27
N PRO A 37 0.27 -17.09 -8.34
CA PRO A 37 1.04 -17.86 -7.36
C PRO A 37 0.16 -18.32 -6.19
N GLN A 38 0.04 -19.64 -6.05
CA GLN A 38 -0.93 -20.18 -5.10
C GLN A 38 -0.54 -19.85 -3.66
N ARG A 39 0.74 -19.94 -3.34
CA ARG A 39 1.16 -19.74 -1.95
C ARG A 39 0.86 -18.32 -1.50
N LEU A 40 1.14 -17.33 -2.35
CA LEU A 40 0.82 -15.95 -2.03
C LEU A 40 -0.68 -15.77 -1.80
N HIS A 41 -1.50 -16.31 -2.71
CA HIS A 41 -2.94 -16.14 -2.58
C HIS A 41 -3.46 -16.84 -1.34
N GLN A 42 -2.97 -18.04 -1.06
CA GLN A 42 -3.38 -18.77 0.15
C GLN A 42 -3.03 -17.97 1.38
N ALA A 43 -1.84 -17.37 1.39
CA ALA A 43 -1.39 -16.63 2.57
C ALA A 43 -2.17 -15.34 2.75
N MET A 44 -2.49 -14.66 1.64
CA MET A 44 -3.34 -13.49 1.74
C MET A 44 -4.69 -13.85 2.38
N ARG A 45 -5.30 -14.94 1.93
CA ARG A 45 -6.59 -15.34 2.48
C ARG A 45 -6.47 -15.78 3.93
N TYR A 46 -5.43 -16.57 4.23
CA TYR A 46 -5.19 -17.01 5.60
C TYR A 46 -5.09 -15.84 6.55
N SER A 47 -4.57 -14.71 6.07
CA SER A 47 -4.35 -13.54 6.88
C SER A 47 -5.58 -12.66 7.08
N VAL A 48 -6.67 -12.89 6.35
CA VAL A 48 -7.80 -11.99 6.57
C VAL A 48 -9.14 -12.70 6.67
N LEU A 49 -9.28 -13.91 6.11
CA LEU A 49 -10.55 -14.61 6.21
C LEU A 49 -10.61 -15.39 7.53
N GLY A 50 -11.82 -15.81 7.87
CA GLY A 50 -12.03 -16.64 9.05
C GLY A 50 -12.60 -15.93 10.25
N GLY A 51 -13.30 -14.82 10.06
CA GLY A 51 -14.08 -14.22 11.13
C GLY A 51 -13.34 -13.19 11.96
N GLY A 52 -13.62 -13.14 13.26
CA GLY A 52 -13.07 -12.11 14.11
C GLY A 52 -14.03 -10.96 14.31
N LYS A 53 -13.59 -9.99 15.14
CA LYS A 53 -14.48 -8.91 15.55
C LYS A 53 -14.91 -8.03 14.38
N ARG A 54 -14.02 -7.84 13.38
CA ARG A 54 -14.27 -6.95 12.23
C ARG A 54 -14.65 -5.54 12.70
N MET A 55 -13.94 -5.05 13.72
CA MET A 55 -14.30 -3.77 14.30
CA MET A 55 -14.29 -3.77 14.30
C MET A 55 -14.25 -2.65 13.27
N ARG A 56 -13.22 -2.65 12.41
CA ARG A 56 -13.10 -1.55 11.46
C ARG A 56 -14.16 -1.62 10.35
N PRO A 57 -14.44 -2.76 9.72
CA PRO A 57 -15.62 -2.80 8.83
C PRO A 57 -16.91 -2.40 9.52
N LEU A 58 -17.12 -2.85 10.76
CA LEU A 58 -18.34 -2.50 11.48
CA LEU A 58 -18.35 -2.50 11.44
C LEU A 58 -18.45 -1.00 11.67
N LEU A 59 -17.34 -0.33 11.95
CA LEU A 59 -17.38 1.11 12.08
C LEU A 59 -17.77 1.78 10.76
N VAL A 60 -17.27 1.28 9.62
CA VAL A 60 -17.67 1.84 8.33
C VAL A 60 -19.18 1.68 8.13
N TYR A 61 -19.68 0.46 8.32
CA TYR A 61 -21.11 0.23 8.11
C TYR A 61 -21.95 1.03 9.09
N ALA A 62 -21.53 1.07 10.37
CA ALA A 62 -22.33 1.73 11.40
C ALA A 62 -22.35 3.23 11.19
N SER A 63 -21.23 3.79 10.72
CA SER A 63 -21.20 5.20 10.41
CA SER A 63 -21.18 5.21 10.40
C SER A 63 -22.07 5.51 9.20
N GLY A 64 -21.96 4.70 8.14
CA GLY A 64 -22.85 4.89 7.01
C GLY A 64 -24.30 4.73 7.40
N HIS A 65 -24.55 3.86 8.40
CA HIS A 65 -25.92 3.57 8.83
C HIS A 65 -26.59 4.81 9.42
N LEU A 66 -25.81 5.70 10.02
CA LEU A 66 -26.34 6.95 10.56
C LEU A 66 -27.13 7.73 9.51
N PHE A 67 -26.71 7.62 8.24
CA PHE A 67 -27.30 8.38 7.15
C PHE A 67 -28.23 7.54 6.31
N GLY A 68 -28.50 6.30 6.72
CA GLY A 68 -29.37 5.44 5.94
C GLY A 68 -28.72 4.85 4.71
N THR A 69 -27.41 4.85 4.65
CA THR A 69 -26.69 4.41 3.47
C THR A 69 -26.79 2.91 3.30
N GLN A 70 -26.99 2.48 2.08
CA GLN A 70 -27.08 1.06 1.79
C GLN A 70 -25.70 0.41 1.85
N PRO A 71 -25.64 -0.87 2.25
CA PRO A 71 -24.34 -1.50 2.45
C PRO A 71 -23.53 -1.60 1.16
N GLU A 72 -24.20 -1.66 0.02
CA GLU A 72 -23.49 -1.75 -1.25
C GLU A 72 -22.59 -0.54 -1.49
N SER A 73 -22.98 0.62 -0.95
CA SER A 73 -22.18 1.83 -1.04
C SER A 73 -21.01 1.84 -0.07
N LEU A 74 -20.96 0.87 0.85
CA LEU A 74 -19.99 0.86 1.90
C LEU A 74 -19.00 -0.28 1.82
N ASP A 75 -19.29 -1.30 0.99
CA ASP A 75 -18.51 -2.54 0.99
C ASP A 75 -17.03 -2.28 0.71
N ALA A 76 -16.72 -1.47 -0.32
CA ALA A 76 -15.31 -1.22 -0.64
C ALA A 76 -14.60 -0.54 0.50
N ALA A 77 -15.23 0.48 1.09
CA ALA A 77 -14.60 1.16 2.22
C ALA A 77 -14.40 0.20 3.37
N ALA A 78 -15.43 -0.61 3.66
CA ALA A 78 -15.34 -1.56 4.78
C ALA A 78 -14.26 -2.60 4.55
N MET A 79 -14.16 -3.13 3.33
CA MET A 79 -13.06 -4.05 3.06
C MET A 79 -11.71 -3.37 3.16
N SER A 80 -11.59 -2.14 2.67
CA SER A 80 -10.27 -1.52 2.61
C SER A 80 -9.69 -1.36 4.01
N VAL A 81 -10.52 -1.03 5.01
CA VAL A 81 -9.91 -0.80 6.31
C VAL A 81 -9.52 -2.12 6.96
N GLU A 82 -10.27 -3.20 6.68
CA GLU A 82 -9.90 -4.50 7.23
C GLU A 82 -8.65 -5.05 6.56
N LEU A 83 -8.47 -4.76 5.25
CA LEU A 83 -7.26 -5.18 4.54
C LEU A 83 -6.02 -4.43 5.04
N ILE A 84 -6.15 -3.13 5.32
CA ILE A 84 -5.01 -2.42 5.90
C ILE A 84 -4.68 -3.01 7.27
N HIS A 85 -5.71 -3.23 8.08
CA HIS A 85 -5.50 -3.81 9.42
C HIS A 85 -4.83 -5.17 9.31
N ALA A 86 -5.34 -6.03 8.42
CA ALA A 86 -4.82 -7.39 8.30
C ALA A 86 -3.37 -7.38 7.86
N TYR A 87 -3.02 -6.57 6.86
CA TYR A 87 -1.65 -6.56 6.39
C TYR A 87 -0.72 -6.10 7.51
N SER A 88 -1.16 -5.13 8.31
CA SER A 88 -0.26 -4.60 9.35
C SER A 88 0.06 -5.68 10.37
N LEU A 89 -0.89 -6.57 10.63
CA LEU A 89 -0.65 -7.63 11.60
C LEU A 89 0.27 -8.70 11.06
N VAL A 90 0.16 -9.00 9.75
CA VAL A 90 1.06 -9.97 9.13
C VAL A 90 2.50 -9.50 9.27
N HIS A 91 2.74 -8.20 9.02
CA HIS A 91 4.10 -7.69 9.19
C HIS A 91 4.48 -7.56 10.66
N ASP A 92 3.56 -7.07 11.51
CA ASP A 92 3.84 -6.96 12.95
C ASP A 92 4.30 -8.30 13.55
N ASP A 93 3.73 -9.41 13.09
CA ASP A 93 4.02 -10.70 13.72
C ASP A 93 5.41 -11.23 13.35
N LEU A 94 6.05 -10.65 12.34
CA LEU A 94 7.31 -11.16 11.84
C LEU A 94 8.38 -11.21 12.94
N PRO A 95 9.32 -12.15 12.84
CA PRO A 95 10.39 -12.23 13.84
C PRO A 95 11.16 -10.91 14.05
N ALA A 96 11.36 -10.11 13.02
CA ALA A 96 12.08 -8.85 13.19
C ALA A 96 11.24 -7.79 13.88
N MET A 97 9.93 -8.01 13.96
CA MET A 97 9.00 -7.06 14.58
C MET A 97 8.58 -7.60 15.94
N ASP A 98 7.31 -8.00 16.10
CA ASP A 98 6.86 -8.50 17.41
C ASP A 98 7.15 -9.97 17.61
N ASP A 99 7.44 -10.72 16.55
CA ASP A 99 7.90 -12.10 16.64
C ASP A 99 6.85 -12.98 17.35
N ASP A 100 5.66 -13.02 16.77
CA ASP A 100 4.57 -13.82 17.31
C ASP A 100 4.35 -15.07 16.49
N ALA A 101 4.18 -16.20 17.17
CA ALA A 101 3.95 -17.48 16.54
C ALA A 101 2.47 -17.86 16.47
N LEU A 102 1.62 -17.22 17.27
CA LEU A 102 0.20 -17.54 17.31
C LEU A 102 -0.61 -16.26 17.26
N ARG A 103 -1.71 -16.29 16.51
CA ARG A 103 -2.67 -15.18 16.48
C ARG A 103 -4.06 -15.79 16.46
N ARG A 104 -4.87 -15.44 17.46
CA ARG A 104 -6.21 -16.00 17.61
C ARG A 104 -6.18 -17.53 17.53
N GLY A 105 -5.30 -18.13 18.32
CA GLY A 105 -5.22 -19.57 18.43
C GLY A 105 -4.74 -20.33 17.20
N LYS A 106 -4.29 -19.64 16.16
CA LYS A 106 -3.78 -20.28 14.96
C LYS A 106 -2.37 -19.76 14.68
N PRO A 107 -1.54 -20.53 13.97
CA PRO A 107 -0.20 -20.05 13.65
C PRO A 107 -0.26 -18.75 12.87
N THR A 108 0.67 -17.84 13.17
CA THR A 108 0.76 -16.60 12.40
C THR A 108 1.15 -16.91 10.95
N THR A 109 1.01 -15.92 10.07
CA THR A 109 1.14 -16.23 8.65
C THR A 109 2.55 -16.68 8.28
N HIS A 110 3.58 -16.09 8.89
CA HIS A 110 4.94 -16.49 8.54
C HIS A 110 5.29 -17.87 9.12
N VAL A 111 4.59 -18.31 10.17
CA VAL A 111 4.76 -19.68 10.66
C VAL A 111 4.01 -20.67 9.76
N ALA A 112 2.77 -20.33 9.39
CA ALA A 112 2.00 -21.21 8.51
C ALA A 112 2.66 -21.34 7.14
N PHE A 113 3.30 -20.28 6.65
CA PHE A 113 3.92 -20.28 5.34
C PHE A 113 5.41 -20.10 5.55
N ASP A 114 5.95 -18.92 5.27
CA ASP A 114 7.34 -18.58 5.57
C ASP A 114 7.43 -17.06 5.59
N GLU A 115 8.59 -16.54 5.97
CA GLU A 115 8.67 -15.08 6.12
C GLU A 115 8.51 -14.36 4.78
N ALA A 116 9.10 -14.90 3.71
CA ALA A 116 9.01 -14.20 2.43
C ALA A 116 7.55 -14.11 1.96
N THR A 117 6.84 -15.23 2.06
CA THR A 117 5.42 -15.25 1.71
C THR A 117 4.63 -14.26 2.55
N ALA A 118 4.95 -14.16 3.85
CA ALA A 118 4.22 -13.24 4.72
C ALA A 118 4.51 -11.79 4.33
N ILE A 119 5.77 -11.47 4.05
CA ILE A 119 6.11 -10.11 3.64
C ILE A 119 5.30 -9.73 2.41
N LEU A 120 5.33 -10.59 1.38
CA LEU A 120 4.64 -10.29 0.13
C LEU A 120 3.12 -10.30 0.29
N ALA A 121 2.58 -11.22 1.11
CA ALA A 121 1.14 -11.22 1.33
C ALA A 121 0.71 -9.92 2.01
N GLY A 122 1.46 -9.45 2.99
CA GLY A 122 1.15 -8.16 3.59
C GLY A 122 1.22 -7.06 2.54
N ASP A 123 2.30 -7.05 1.76
CA ASP A 123 2.42 -6.03 0.70
C ASP A 123 1.22 -6.05 -0.23
N ALA A 124 0.80 -7.26 -0.66
CA ALA A 124 -0.27 -7.35 -1.64
C ALA A 124 -1.64 -7.04 -1.03
N LEU A 125 -1.84 -7.33 0.26
CA LEU A 125 -3.09 -6.93 0.90
C LEU A 125 -3.20 -5.41 0.96
N GLN A 126 -2.08 -4.73 1.23
CA GLN A 126 -2.12 -3.26 1.23
C GLN A 126 -2.55 -2.75 -0.14
N THR A 127 -1.96 -3.30 -1.22
CA THR A 127 -2.31 -2.81 -2.54
C THR A 127 -3.78 -3.07 -2.84
N ARG A 128 -4.30 -4.24 -2.40
CA ARG A 128 -5.68 -4.56 -2.70
C ARG A 128 -6.63 -3.62 -1.97
N ALA A 129 -6.26 -3.15 -0.78
CA ALA A 129 -7.11 -2.18 -0.09
C ALA A 129 -7.31 -0.93 -0.95
N PHE A 130 -6.21 -0.38 -1.49
CA PHE A 130 -6.35 0.81 -2.32
C PHE A 130 -7.05 0.49 -3.64
N GLY A 131 -6.74 -0.66 -4.23
CA GLY A 131 -7.39 -1.04 -5.50
C GLY A 131 -8.90 -1.15 -5.37
N LEU A 132 -9.37 -1.72 -4.26
CA LEU A 132 -10.82 -1.85 -4.09
C LEU A 132 -11.50 -0.50 -4.01
N LEU A 133 -10.87 0.46 -3.33
CA LEU A 133 -11.43 1.82 -3.29
C LEU A 133 -11.40 2.45 -4.68
N ALA A 134 -10.27 2.35 -5.37
CA ALA A 134 -10.19 2.97 -6.69
C ALA A 134 -11.20 2.35 -7.65
N ASP A 135 -11.57 1.08 -7.45
CA ASP A 135 -12.47 0.38 -8.35
C ASP A 135 -13.92 0.45 -7.87
N ALA A 136 -14.20 1.10 -6.75
CA ALA A 136 -15.54 1.07 -6.16
C ALA A 136 -16.60 1.66 -7.11
N PRO A 137 -17.85 1.16 -7.04
CA PRO A 137 -18.92 1.71 -7.88
C PRO A 137 -19.53 2.98 -7.29
N LEU A 138 -18.69 3.99 -7.12
CA LEU A 138 -19.00 5.26 -6.49
C LEU A 138 -18.49 6.38 -7.39
N PRO A 139 -19.03 7.60 -7.24
CA PRO A 139 -18.47 8.76 -7.95
C PRO A 139 -16.98 8.92 -7.71
N ALA A 140 -16.26 9.39 -8.73
CA ALA A 140 -14.81 9.50 -8.60
C ALA A 140 -14.42 10.40 -7.44
N THR A 141 -15.16 11.49 -7.21
CA THR A 141 -14.81 12.40 -6.11
C THR A 141 -14.91 11.69 -4.76
N LEU A 142 -15.88 10.81 -4.61
CA LEU A 142 -16.00 10.05 -3.37
C LEU A 142 -14.88 9.02 -3.25
N ARG A 143 -14.55 8.31 -4.33
CA ARG A 143 -13.45 7.36 -4.22
C ARG A 143 -12.16 8.06 -3.86
N VAL A 144 -11.91 9.23 -4.46
CA VAL A 144 -10.70 9.98 -4.15
C VAL A 144 -10.67 10.40 -2.69
N ALA A 145 -11.81 10.87 -2.17
CA ALA A 145 -11.86 11.30 -0.77
C ALA A 145 -11.60 10.11 0.17
N CYS A 146 -12.13 8.94 -0.17
CA CYS A 146 -11.87 7.76 0.65
C CYS A 146 -10.42 7.34 0.56
N LEU A 147 -9.84 7.38 -0.64
CA LEU A 147 -8.44 7.01 -0.82
C LEU A 147 -7.50 7.96 -0.10
N GLN A 148 -7.77 9.27 -0.17
CA GLN A 148 -6.96 10.20 0.61
C GLN A 148 -7.05 9.88 2.08
N THR A 149 -8.25 9.60 2.56
CA THR A 149 -8.43 9.31 3.99
C THR A 149 -7.63 8.08 4.40
N LEU A 150 -7.74 7.01 3.61
CA LEU A 150 -7.09 5.75 3.98
C LEU A 150 -5.56 5.88 3.90
N ALA A 151 -5.06 6.56 2.86
CA ALA A 151 -3.62 6.72 2.75
C ALA A 151 -3.06 7.53 3.91
N HIS A 152 -3.72 8.64 4.25
CA HIS A 152 -3.22 9.48 5.34
CA HIS A 152 -3.23 9.48 5.34
C HIS A 152 -3.20 8.70 6.65
N ALA A 153 -4.23 7.89 6.89
CA ALA A 153 -4.33 7.15 8.14
C ALA A 153 -3.42 5.93 8.20
N SER A 154 -2.96 5.42 7.07
CA SER A 154 -2.25 4.15 7.04
C SER A 154 -0.74 4.30 6.95
N GLY A 155 -0.22 5.42 6.51
CA GLY A 155 1.19 5.56 6.23
C GLY A 155 2.00 6.12 7.38
N ALA A 156 3.11 6.79 7.04
CA ALA A 156 4.01 7.30 8.07
C ALA A 156 3.34 8.33 8.98
N SER A 157 2.27 8.99 8.51
CA SER A 157 1.52 9.90 9.35
C SER A 157 0.47 9.21 10.20
N GLY A 158 0.22 7.92 9.96
CA GLY A 158 -0.72 7.16 10.74
C GLY A 158 -0.14 5.84 11.18
N MET A 159 -0.79 4.76 10.75
CA MET A 159 -0.50 3.42 11.27
C MET A 159 0.98 3.08 11.22
N CYS A 160 1.61 3.25 10.05
CA CYS A 160 3.02 2.90 9.92
CA CYS A 160 3.04 2.91 9.91
C CYS A 160 3.90 3.72 10.86
N GLY A 161 3.64 5.02 10.95
CA GLY A 161 4.41 5.84 11.89
C GLY A 161 4.25 5.37 13.32
N GLY A 162 3.04 4.97 13.69
CA GLY A 162 2.82 4.48 15.04
C GLY A 162 3.53 3.17 15.31
N GLN A 163 3.51 2.26 14.33
CA GLN A 163 4.30 1.04 14.44
C GLN A 163 5.77 1.37 14.66
N ALA A 164 6.29 2.36 13.93
CA ALA A 164 7.69 2.75 14.08
C ALA A 164 7.97 3.34 15.45
N LEU A 165 7.07 4.20 15.95
CA LEU A 165 7.25 4.74 17.30
C LEU A 165 7.33 3.62 18.32
N ASP A 166 6.51 2.58 18.14
CA ASP A 166 6.51 1.44 19.05
C ASP A 166 7.84 0.68 18.97
N ILE A 167 8.32 0.41 17.76
CA ILE A 167 9.60 -0.28 17.61
C ILE A 167 10.73 0.54 18.20
N ASP A 168 10.73 1.86 17.98
CA ASP A 168 11.80 2.69 18.55
C ASP A 168 11.80 2.63 20.07
N ALA A 169 10.65 2.40 20.69
CA ALA A 169 10.50 2.43 22.14
C ALA A 169 10.75 1.06 22.79
N THR A 170 11.07 0.03 22.01
CA THR A 170 11.32 -1.28 22.56
C THR A 170 12.44 -1.22 23.59
N GLY A 171 12.17 -1.68 24.81
CA GLY A 171 13.15 -1.63 25.88
C GLY A 171 13.26 -0.29 26.59
N GLN A 172 12.42 0.68 26.28
CA GLN A 172 12.38 1.96 26.98
C GLN A 172 11.00 2.15 27.60
N GLN A 173 10.91 3.06 28.57
CA GLN A 173 9.67 3.35 29.28
C GLN A 173 9.12 4.68 28.76
N GLN A 174 7.99 4.61 28.05
CA GLN A 174 7.41 5.80 27.45
C GLN A 174 6.65 6.62 28.50
N THR A 175 6.64 7.94 28.32
CA THR A 175 5.77 8.79 29.12
C THR A 175 4.32 8.64 28.67
N LEU A 176 3.39 9.10 29.52
CA LEU A 176 1.98 9.07 29.15
C LEU A 176 1.72 9.84 27.86
N ALA A 177 2.32 11.02 27.71
CA ALA A 177 2.16 11.78 26.47
C ALA A 177 2.61 10.97 25.27
N ALA A 178 3.78 10.32 25.37
CA ALA A 178 4.33 9.60 24.23
C ALA A 178 3.52 8.34 23.92
N LEU A 179 3.11 7.61 24.97
CA LEU A 179 2.28 6.43 24.78
C LEU A 179 0.98 6.77 24.08
N THR A 180 0.35 7.86 24.52
CA THR A 180 -0.92 8.27 23.92
C THR A 180 -0.73 8.66 22.46
N ARG A 181 0.32 9.41 22.16
CA ARG A 181 0.63 9.78 20.79
C ARG A 181 0.90 8.56 19.92
N MET A 182 1.69 7.61 20.44
CA MET A 182 1.96 6.39 19.69
CA MET A 182 1.96 6.40 19.68
C MET A 182 0.67 5.65 19.34
N HIS A 183 -0.21 5.45 20.32
CA HIS A 183 -1.46 4.76 20.04
C HIS A 183 -2.32 5.55 19.06
N ALA A 184 -2.33 6.88 19.16
CA ALA A 184 -3.12 7.68 18.22
C ALA A 184 -2.74 7.40 16.78
N LEU A 185 -1.45 7.17 16.51
CA LEU A 185 -1.01 6.84 15.16
C LEU A 185 -1.16 5.37 14.86
N LYS A 186 -0.72 4.51 15.79
CA LYS A 186 -0.62 3.09 15.51
C LYS A 186 -1.98 2.44 15.30
N THR A 187 -2.99 2.80 16.10
CA THR A 187 -4.32 2.27 15.89
C THR A 187 -5.41 3.32 15.79
N GLY A 188 -5.21 4.51 16.36
CA GLY A 188 -6.28 5.50 16.36
C GLY A 188 -6.60 6.01 14.97
N ALA A 189 -5.56 6.22 14.15
CA ALA A 189 -5.78 6.86 12.85
C ALA A 189 -6.67 6.00 11.95
N LEU A 190 -6.40 4.69 11.88
CA LEU A 190 -7.21 3.84 11.00
C LEU A 190 -8.63 3.68 11.53
N ILE A 191 -8.81 3.70 12.86
CA ILE A 191 -10.15 3.68 13.42
C ILE A 191 -10.92 4.94 13.05
N ARG A 192 -10.27 6.10 13.13
CA ARG A 192 -10.91 7.33 12.67
C ARG A 192 -11.18 7.30 11.18
N ALA A 193 -10.26 6.72 10.40
CA ALA A 193 -10.51 6.61 8.95
C ALA A 193 -11.75 5.79 8.66
N ALA A 194 -11.96 4.71 9.42
CA ALA A 194 -13.12 3.86 9.15
C ALA A 194 -14.40 4.65 9.35
N VAL A 195 -14.50 5.39 10.46
CA VAL A 195 -15.70 6.20 10.70
C VAL A 195 -15.83 7.29 9.64
N ARG A 196 -14.72 7.95 9.30
CA ARG A 196 -14.81 9.03 8.30
C ARG A 196 -15.27 8.50 6.96
N MET A 197 -14.76 7.33 6.54
CA MET A 197 -15.12 6.82 5.22
C MET A 197 -16.58 6.42 5.15
N GLY A 198 -17.08 5.76 6.21
CA GLY A 198 -18.50 5.45 6.23
C GLY A 198 -19.36 6.69 6.12
N ALA A 199 -18.96 7.76 6.81
CA ALA A 199 -19.74 8.99 6.78
C ALA A 199 -19.60 9.68 5.43
N LEU A 200 -18.40 9.64 4.83
CA LEU A 200 -18.26 10.18 3.48
C LEU A 200 -19.18 9.46 2.50
N CYS A 201 -19.26 8.13 2.61
CA CYS A 201 -20.15 7.40 1.70
C CYS A 201 -21.61 7.75 1.98
N GLY A 202 -21.92 8.12 3.22
CA GLY A 202 -23.20 8.65 3.62
C GLY A 202 -23.44 10.10 3.24
N GLN A 203 -22.46 10.73 2.59
CA GLN A 203 -22.55 12.11 2.13
C GLN A 203 -22.65 13.10 3.29
N ALA A 204 -22.00 12.78 4.40
CA ALA A 204 -21.95 13.69 5.54
C ALA A 204 -21.23 14.98 5.18
N HIS A 205 -21.63 16.08 5.81
CA HIS A 205 -20.91 17.33 5.65
C HIS A 205 -19.87 17.51 6.76
N GLU A 206 -19.01 18.52 6.58
CA GLU A 206 -17.83 18.65 7.44
C GLU A 206 -18.15 18.77 8.92
N PRO A 207 -19.18 19.51 9.37
CA PRO A 207 -19.43 19.57 10.82
C PRO A 207 -19.78 18.22 11.40
N GLN A 208 -20.58 17.44 10.68
CA GLN A 208 -20.88 16.10 11.16
C GLN A 208 -19.67 15.18 11.07
N LEU A 209 -18.82 15.36 10.05
CA LEU A 209 -17.59 14.58 10.00
C LEU A 209 -16.73 14.88 11.22
N ALA A 210 -16.64 16.16 11.61
CA ALA A 210 -15.81 16.52 12.75
C ALA A 210 -16.37 15.96 14.05
N GLN A 211 -17.68 16.00 14.19
CA GLN A 211 -18.31 15.43 15.38
C GLN A 211 -18.03 13.92 15.48
N LEU A 212 -18.23 13.20 14.38
CA LEU A 212 -17.97 11.75 14.37
C LEU A 212 -16.50 11.46 14.55
N ASP A 213 -15.62 12.34 14.08
CA ASP A 213 -14.20 12.14 14.30
C ASP A 213 -13.86 12.22 15.78
N SER A 214 -14.52 13.12 16.50
CA SER A 214 -14.31 13.22 17.94
CA SER A 214 -14.25 13.19 17.94
C SER A 214 -14.73 11.93 18.65
N PHE A 215 -15.84 11.36 18.22
CA PHE A 215 -16.27 10.07 18.75
C PHE A 215 -15.23 8.99 18.43
N ALA A 216 -14.79 8.95 17.17
CA ALA A 216 -13.90 7.87 16.74
C ALA A 216 -12.53 8.01 17.39
N ASP A 217 -12.10 9.24 17.62
CA ASP A 217 -10.83 9.48 18.32
C ASP A 217 -10.89 8.86 19.72
N ALA A 218 -11.96 9.17 20.46
CA ALA A 218 -12.11 8.58 21.80
C ALA A 218 -12.21 7.06 21.74
N LEU A 219 -12.93 6.52 20.74
CA LEU A 219 -13.08 5.06 20.66
C LEU A 219 -11.75 4.35 20.46
N GLY A 220 -10.90 4.89 19.58
CA GLY A 220 -9.63 4.23 19.32
C GLY A 220 -8.76 4.16 20.57
N LEU A 221 -8.75 5.23 21.36
CA LEU A 221 -8.01 5.19 22.63
C LEU A 221 -8.69 4.24 23.63
N ALA A 222 -10.02 4.32 23.73
CA ALA A 222 -10.74 3.46 24.66
C ALA A 222 -10.40 1.99 24.44
N PHE A 223 -10.38 1.57 23.17
CA PHE A 223 -10.08 0.18 22.86
C PHE A 223 -8.73 -0.22 23.44
N GLN A 224 -7.74 0.67 23.34
CA GLN A 224 -6.40 0.34 23.80
C GLN A 224 -6.28 0.36 25.33
N VAL A 225 -6.92 1.32 25.99
CA VAL A 225 -6.93 1.32 27.46
C VAL A 225 -7.57 0.03 27.98
N ARG A 226 -8.71 -0.36 27.39
CA ARG A 226 -9.35 -1.62 27.78
C ARG A 226 -8.41 -2.80 27.58
N ASP A 227 -7.72 -2.85 26.45
CA ASP A 227 -6.78 -3.93 26.18
C ASP A 227 -5.72 -4.01 27.26
N ASP A 228 -5.16 -2.84 27.63
CA ASP A 228 -4.15 -2.80 28.68
C ASP A 228 -4.71 -3.34 30.00
N ILE A 229 -5.93 -2.93 30.35
CA ILE A 229 -6.52 -3.43 31.59
C ILE A 229 -6.69 -4.94 31.53
N LEU A 230 -7.15 -5.46 30.39
CA LEU A 230 -7.35 -6.90 30.26
C LEU A 230 -6.04 -7.67 30.36
N ASP A 231 -4.97 -7.13 29.75
CA ASP A 231 -3.66 -7.76 29.83
C ASP A 231 -3.22 -7.96 31.28
N VAL A 232 -3.45 -6.95 32.13
CA VAL A 232 -3.11 -7.10 33.55
C VAL A 232 -4.05 -8.10 34.22
N GLU A 233 -5.34 -8.09 33.82
CA GLU A 233 -6.29 -8.99 34.45
C GLU A 233 -6.12 -10.43 34.00
N ALA A 234 -5.51 -10.66 32.84
CA ALA A 234 -5.15 -12.02 32.42
C ALA A 234 -3.65 -12.25 32.62
N ASP A 250 7.51 -2.78 24.74
CA ASP A 250 6.27 -2.15 25.18
C ASP A 250 6.04 -2.31 26.68
N LYS A 251 7.04 -1.93 27.48
CA LYS A 251 6.94 -2.02 28.93
C LYS A 251 5.92 -1.04 29.51
N SER A 252 5.64 0.07 28.82
CA SER A 252 4.77 1.12 29.34
C SER A 252 3.32 0.90 28.91
N THR A 253 2.41 0.97 29.87
CA THR A 253 0.98 0.74 29.67
C THR A 253 0.22 1.75 30.50
N PHE A 254 -1.06 1.89 30.20
CA PHE A 254 -1.83 2.85 30.97
C PHE A 254 -1.99 2.42 32.42
N PRO A 255 -2.23 1.14 32.75
CA PRO A 255 -2.26 0.79 34.19
C PRO A 255 -0.92 0.96 34.87
N ALA A 256 0.20 0.75 34.17
CA ALA A 256 1.48 0.91 34.84
C ALA A 256 1.75 2.38 35.14
N LEU A 257 1.38 3.26 34.23
CA LEU A 257 1.66 4.69 34.39
C LEU A 257 0.62 5.41 35.22
N LEU A 258 -0.63 4.95 35.20
CA LEU A 258 -1.69 5.61 35.96
C LEU A 258 -2.07 4.86 37.22
N GLY A 259 -1.60 3.63 37.40
CA GLY A 259 -2.22 2.76 38.38
C GLY A 259 -3.45 2.11 37.78
N MET A 260 -3.86 0.96 38.31
CA MET A 260 -4.99 0.25 37.72
C MET A 260 -6.27 1.05 37.89
N ASP A 261 -6.52 1.55 39.11
CA ASP A 261 -7.68 2.43 39.33
C ASP A 261 -7.68 3.63 38.39
N GLY A 262 -6.52 4.23 38.14
CA GLY A 262 -6.46 5.40 37.27
C GLY A 262 -6.82 5.05 35.84
N ALA A 263 -6.36 3.90 35.35
CA ALA A 263 -6.67 3.49 33.98
C ALA A 263 -8.15 3.13 33.84
N LYS A 264 -8.74 2.52 34.87
CA LYS A 264 -10.17 2.24 34.82
C LYS A 264 -10.97 3.54 34.78
N ALA A 265 -10.53 4.54 35.54
CA ALA A 265 -11.19 5.84 35.49
C ALA A 265 -11.03 6.48 34.11
N GLN A 266 -9.84 6.36 33.52
CA GLN A 266 -9.61 6.84 32.14
C GLN A 266 -10.59 6.18 31.17
N LEU A 267 -10.74 4.86 31.27
CA LEU A 267 -11.65 4.15 30.38
C LEU A 267 -13.11 4.58 30.63
N HIS A 268 -13.48 4.75 31.89
CA HIS A 268 -14.84 5.15 32.23
C HIS A 268 -15.17 6.52 31.65
N GLU A 269 -14.21 7.46 31.69
CA GLU A 269 -14.45 8.78 31.10
C GLU A 269 -14.61 8.69 29.60
N LEU A 270 -13.76 7.89 28.94
CA LEU A 270 -13.88 7.73 27.49
C LEU A 270 -15.23 7.11 27.11
N ALA A 271 -15.71 6.15 27.90
CA ALA A 271 -17.03 5.58 27.65
C ALA A 271 -18.12 6.64 27.73
N ALA A 272 -18.11 7.43 28.81
CA ALA A 272 -19.10 8.49 28.94
C ALA A 272 -18.97 9.51 27.82
N ARG A 273 -17.72 9.85 27.46
CA ARG A 273 -17.50 10.85 26.41
C ARG A 273 -18.10 10.39 25.10
N MET A 274 -17.86 9.13 24.72
CA MET A 274 -18.39 8.62 23.46
C MET A 274 -19.91 8.71 23.43
N GLN A 275 -20.58 8.30 24.52
CA GLN A 275 -22.04 8.35 24.51
C GLN A 275 -22.55 9.80 24.45
N SER A 276 -21.88 10.73 25.14
CA SER A 276 -22.32 12.13 25.11
C SER A 276 -22.24 12.74 23.71
N ILE A 277 -21.26 12.32 22.91
CA ILE A 277 -21.07 12.91 21.57
C ILE A 277 -22.25 12.55 20.68
N LEU A 278 -22.80 11.34 20.85
CA LEU A 278 -23.89 10.88 20.00
C LEU A 278 -25.27 11.08 20.63
N ALA A 279 -25.35 11.82 21.74
CA ALA A 279 -26.58 11.78 22.54
C ALA A 279 -27.79 12.33 21.79
N ARG A 280 -27.59 13.20 20.80
CA ARG A 280 -28.75 13.81 20.17
C ARG A 280 -29.33 12.98 19.02
N TYR A 281 -28.64 11.94 18.59
CA TYR A 281 -29.13 11.08 17.52
C TYR A 281 -30.24 10.17 18.01
N GLY A 282 -31.05 9.71 17.07
CA GLY A 282 -32.05 8.69 17.35
C GLY A 282 -31.46 7.31 17.18
N GLU A 283 -32.34 6.35 16.92
CA GLU A 283 -31.94 4.94 16.85
C GLU A 283 -30.90 4.68 15.79
N GLU A 284 -30.78 5.56 14.79
CA GLU A 284 -29.82 5.34 13.73
C GLU A 284 -28.38 5.30 14.27
N ALA A 285 -28.13 5.89 15.44
CA ALA A 285 -26.79 5.82 16.03
C ALA A 285 -26.60 4.64 16.98
N ASP A 286 -27.61 3.77 17.14
CA ASP A 286 -27.47 2.67 18.09
C ASP A 286 -26.32 1.72 17.73
N ALA A 287 -26.06 1.52 16.42
CA ALA A 287 -24.95 0.65 16.04
C ALA A 287 -23.62 1.25 16.47
N LEU A 288 -23.40 2.54 16.18
CA LEU A 288 -22.18 3.18 16.66
C LEU A 288 -22.10 3.14 18.17
N ARG A 289 -23.23 3.39 18.85
CA ARG A 289 -23.21 3.37 20.32
C ARG A 289 -22.78 2.03 20.83
N ALA A 290 -23.18 0.94 20.14
CA ALA A 290 -22.85 -0.39 20.62
C ALA A 290 -21.41 -0.76 20.33
N LEU A 291 -20.81 -0.19 19.28
CA LEU A 291 -19.38 -0.39 19.08
C LEU A 291 -18.58 0.30 20.17
N ALA A 292 -19.04 1.46 20.63
CA ALA A 292 -18.40 2.12 21.77
C ALA A 292 -18.48 1.25 23.01
N THR A 293 -19.65 0.66 23.28
CA THR A 293 -19.78 -0.22 24.42
C THR A 293 -18.88 -1.45 24.29
N LEU A 294 -18.81 -2.04 23.09
CA LEU A 294 -17.91 -3.19 22.90
C LEU A 294 -16.45 -2.80 23.13
N ALA A 295 -16.06 -1.60 22.71
CA ALA A 295 -14.68 -1.18 22.93
C ALA A 295 -14.34 -1.05 24.41
N VAL A 296 -15.34 -0.82 25.26
CA VAL A 296 -15.09 -0.53 26.67
C VAL A 296 -15.33 -1.77 27.53
N GLU A 297 -16.21 -2.66 27.08
CA GLU A 297 -16.78 -3.68 27.96
C GLU A 297 -16.50 -5.12 27.57
N ARG A 298 -15.96 -5.36 26.37
CA ARG A 298 -15.75 -6.74 25.95
C ARG A 298 -14.79 -7.45 26.90
N ASP A 299 -15.00 -8.76 27.06
CA ASP A 299 -14.18 -9.58 27.94
C ASP A 299 -12.98 -10.20 27.23
N HIS A 300 -12.99 -10.25 25.90
CA HIS A 300 -11.89 -10.81 25.14
C HIS A 300 -11.21 -9.73 24.33
N HIS B 8 20.26 10.96 -29.85
CA HIS B 8 19.50 11.01 -28.61
C HIS B 8 20.17 11.91 -27.57
N MET B 9 21.03 12.82 -28.04
CA MET B 9 21.69 13.75 -27.13
C MET B 9 20.70 14.77 -26.57
N THR B 10 19.82 15.32 -27.43
CA THR B 10 18.76 16.19 -26.93
C THR B 10 17.88 15.44 -25.93
N ALA B 11 17.64 14.14 -26.17
CA ALA B 11 16.93 13.33 -25.20
C ALA B 11 17.69 13.21 -23.89
N GLU B 12 19.01 13.01 -23.95
CA GLU B 12 19.81 12.92 -22.72
C GLU B 12 19.64 14.17 -21.87
N VAL B 13 19.54 15.35 -22.51
CA VAL B 13 19.35 16.58 -21.76
C VAL B 13 17.99 16.58 -21.08
N LEU B 14 16.96 16.16 -21.81
CA LEU B 14 15.63 16.01 -21.23
C LEU B 14 15.64 15.03 -20.06
N PHE B 15 16.33 13.90 -20.22
CA PHE B 15 16.35 12.91 -19.14
C PHE B 15 17.08 13.45 -17.91
N ALA B 16 18.18 14.17 -18.10
CA ALA B 16 18.84 14.77 -16.95
C ALA B 16 17.93 15.75 -16.24
N ARG B 17 17.19 16.58 -17.00
CA ARG B 17 16.24 17.50 -16.37
C ARG B 17 15.20 16.74 -15.56
N TRP B 18 14.69 15.65 -16.11
CA TRP B 18 13.64 14.92 -15.41
C TRP B 18 14.17 14.15 -14.21
N ARG B 19 15.41 13.66 -14.27
CA ARG B 19 16.00 13.03 -13.09
C ARG B 19 16.23 14.04 -11.98
N ASP B 20 16.68 15.24 -12.33
CA ASP B 20 16.82 16.30 -11.34
C ASP B 20 15.46 16.71 -10.77
N ARG B 21 14.44 16.78 -11.63
CA ARG B 21 13.11 17.15 -11.18
C ARG B 21 12.54 16.11 -10.23
N ILE B 22 12.65 14.82 -10.59
CA ILE B 22 11.99 13.81 -9.74
C ILE B 22 12.73 13.72 -8.40
N GLU B 23 14.05 13.94 -8.38
CA GLU B 23 14.76 14.00 -7.11
C GLU B 23 14.18 15.11 -6.23
N SER B 24 14.02 16.31 -6.80
CA SER B 24 13.50 17.43 -6.03
C SER B 24 12.05 17.19 -5.59
N GLN B 25 11.24 16.60 -6.47
CA GLN B 25 9.85 16.33 -6.14
C GLN B 25 9.73 15.34 -5.00
N LEU B 26 10.49 14.24 -5.09
CA LEU B 26 10.42 13.22 -4.04
C LEU B 26 10.92 13.78 -2.71
N ASP B 27 11.96 14.62 -2.77
CA ASP B 27 12.46 15.24 -1.55
C ASP B 27 11.39 16.10 -0.89
N ALA B 28 10.63 16.85 -1.70
CA ALA B 28 9.58 17.69 -1.11
C ALA B 28 8.40 16.86 -0.60
N ALA B 29 8.18 15.68 -1.17
CA ALA B 29 7.02 14.86 -0.81
C ALA B 29 7.26 13.93 0.37
N LEU B 30 8.52 13.72 0.77
CA LEU B 30 8.77 12.78 1.86
C LEU B 30 8.89 13.49 3.20
N PRO B 31 8.54 12.83 4.29
CA PRO B 31 8.60 13.48 5.61
C PRO B 31 10.03 13.85 5.97
N SER B 32 10.15 14.87 6.82
CA SER B 32 11.45 15.39 7.20
C SER B 32 12.18 14.40 8.11
N PRO B 33 13.49 14.23 7.92
CA PRO B 33 14.24 13.32 8.80
C PRO B 33 14.39 13.86 10.21
N ALA B 34 14.01 15.12 10.45
CA ALA B 34 14.05 15.71 11.78
C ALA B 34 12.75 15.49 12.55
N GLU B 35 11.70 15.03 11.88
CA GLU B 35 10.38 14.91 12.47
CA GLU B 35 10.39 14.92 12.51
C GLU B 35 10.08 13.47 12.86
N ALA B 36 9.24 13.29 13.94
CA ALA B 36 8.89 11.98 14.51
C ALA B 36 7.93 11.23 13.59
N PRO B 37 8.12 9.90 13.40
CA PRO B 37 9.25 9.07 13.87
C PRO B 37 10.48 9.27 12.96
N GLN B 38 11.59 9.72 13.54
CA GLN B 38 12.75 10.15 12.75
C GLN B 38 13.35 8.99 11.99
N ARG B 39 13.54 7.85 12.63
CA ARG B 39 14.29 6.78 11.98
C ARG B 39 13.51 6.24 10.78
N LEU B 40 12.19 6.12 10.90
CA LEU B 40 11.39 5.70 9.74
C LEU B 40 11.53 6.68 8.58
N HIS B 41 11.40 7.97 8.86
CA HIS B 41 11.52 8.98 7.82
C HIS B 41 12.90 8.94 7.15
N GLN B 42 13.94 8.77 7.95
CA GLN B 42 15.30 8.68 7.40
C GLN B 42 15.43 7.46 6.50
N ALA B 43 14.85 6.33 6.92
CA ALA B 43 14.96 5.13 6.09
C ALA B 43 14.13 5.25 4.82
N MET B 44 12.95 5.89 4.92
CA MET B 44 12.16 6.15 3.71
C MET B 44 12.97 6.97 2.72
N ARG B 45 13.62 8.04 3.20
CA ARG B 45 14.40 8.90 2.30
C ARG B 45 15.60 8.15 1.73
N TYR B 46 16.30 7.39 2.58
CA TYR B 46 17.46 6.62 2.11
C TYR B 46 17.09 5.67 0.98
N SER B 47 15.87 5.15 1.01
CA SER B 47 15.42 4.12 0.09
C SER B 47 15.00 4.68 -1.27
N VAL B 48 14.84 5.99 -1.43
CA VAL B 48 14.38 6.50 -2.71
C VAL B 48 15.18 7.71 -3.18
N LEU B 49 15.83 8.45 -2.26
CA LEU B 49 16.60 9.60 -2.72
C LEU B 49 18.04 9.19 -3.04
N GLY B 50 18.77 10.09 -3.66
CA GLY B 50 20.15 9.84 -4.03
C GLY B 50 20.36 9.39 -5.45
N GLY B 51 19.55 9.86 -6.39
CA GLY B 51 19.80 9.58 -7.79
C GLY B 51 19.29 8.21 -8.22
N GLY B 52 19.97 7.65 -9.21
CA GLY B 52 19.55 6.43 -9.86
C GLY B 52 19.06 6.70 -11.28
N LYS B 53 18.74 5.60 -11.98
CA LYS B 53 18.32 5.74 -13.37
C LYS B 53 16.96 6.44 -13.52
N ARG B 54 16.03 6.22 -12.57
CA ARG B 54 14.67 6.82 -12.60
C ARG B 54 13.92 6.41 -13.87
N MET B 55 14.13 5.16 -14.29
CA MET B 55 13.52 4.69 -15.53
C MET B 55 12.01 4.89 -15.51
N ARG B 56 11.36 4.56 -14.38
CA ARG B 56 9.90 4.60 -14.37
C ARG B 56 9.36 6.02 -14.34
N PRO B 57 9.87 6.96 -13.52
CA PRO B 57 9.46 8.36 -13.71
C PRO B 57 9.75 8.90 -15.11
N LEU B 58 10.89 8.55 -15.70
CA LEU B 58 11.17 9.00 -17.06
C LEU B 58 10.13 8.49 -18.04
N LEU B 59 9.66 7.25 -17.86
CA LEU B 59 8.62 6.73 -18.74
C LEU B 59 7.35 7.55 -18.59
N VAL B 60 6.97 7.92 -17.36
CA VAL B 60 5.80 8.77 -17.16
C VAL B 60 5.97 10.09 -17.90
N TYR B 61 7.09 10.79 -17.65
CA TYR B 61 7.31 12.09 -18.27
C TYR B 61 7.37 12.00 -19.79
N ALA B 62 8.06 10.97 -20.31
CA ALA B 62 8.23 10.82 -21.75
C ALA B 62 6.91 10.47 -22.43
N SER B 63 6.10 9.64 -21.78
CA SER B 63 4.79 9.30 -22.33
C SER B 63 3.88 10.51 -22.36
N GLY B 64 3.86 11.31 -21.27
CA GLY B 64 3.13 12.56 -21.31
C GLY B 64 3.68 13.54 -22.34
N HIS B 65 5.01 13.53 -22.52
CA HIS B 65 5.64 14.42 -23.51
C HIS B 65 5.12 14.16 -24.92
N LEU B 66 4.76 12.91 -25.21
CA LEU B 66 4.21 12.57 -26.52
C LEU B 66 2.97 13.39 -26.83
N PHE B 67 2.21 13.76 -25.81
CA PHE B 67 0.96 14.52 -25.94
C PHE B 67 1.15 16.00 -25.62
N GLY B 68 2.40 16.45 -25.42
CA GLY B 68 2.61 17.83 -25.07
C GLY B 68 2.24 18.18 -23.65
N THR B 69 2.12 17.18 -22.78
CA THR B 69 1.76 17.41 -21.40
C THR B 69 3.01 17.83 -20.63
N GLN B 70 2.87 18.81 -19.85
CA GLN B 70 4.06 19.27 -19.17
C GLN B 70 4.28 18.52 -17.86
N PRO B 71 5.53 18.46 -17.39
CA PRO B 71 5.83 17.68 -16.18
C PRO B 71 4.97 18.01 -14.97
N GLU B 72 4.56 19.26 -14.78
CA GLU B 72 3.78 19.60 -13.60
C GLU B 72 2.55 18.69 -13.47
N SER B 73 1.92 18.36 -14.61
CA SER B 73 0.75 17.49 -14.62
C SER B 73 1.11 16.01 -14.49
N LEU B 74 2.40 15.68 -14.43
CA LEU B 74 2.87 14.31 -14.41
C LEU B 74 3.64 13.95 -13.15
N ASP B 75 3.95 14.92 -12.28
CA ASP B 75 4.80 14.66 -11.13
C ASP B 75 4.20 13.63 -10.18
N ALA B 76 2.90 13.73 -9.88
CA ALA B 76 2.29 12.78 -8.96
C ALA B 76 2.43 11.36 -9.49
N ALA B 77 2.08 11.17 -10.76
CA ALA B 77 2.19 9.84 -11.37
C ALA B 77 3.63 9.37 -11.40
N ALA B 78 4.56 10.26 -11.75
CA ALA B 78 5.97 9.89 -11.83
C ALA B 78 6.52 9.51 -10.47
N MET B 79 6.16 10.28 -9.44
CA MET B 79 6.59 9.92 -8.09
C MET B 79 6.01 8.58 -7.67
N SER B 80 4.74 8.35 -8.00
CA SER B 80 4.08 7.14 -7.48
C SER B 80 4.74 5.87 -8.01
N VAL B 81 5.10 5.82 -9.30
CA VAL B 81 5.71 4.58 -9.81
C VAL B 81 7.13 4.39 -9.25
N GLU B 82 7.88 5.48 -9.02
CA GLU B 82 9.19 5.33 -8.37
C GLU B 82 9.05 4.88 -6.92
N LEU B 83 8.04 5.39 -6.21
CA LEU B 83 7.83 4.97 -4.82
C LEU B 83 7.46 3.49 -4.72
N ILE B 84 6.60 2.99 -5.63
CA ILE B 84 6.32 1.56 -5.64
C ILE B 84 7.59 0.77 -5.93
N HIS B 85 8.31 1.17 -6.97
CA HIS B 85 9.56 0.49 -7.31
C HIS B 85 10.51 0.49 -6.12
N ALA B 86 10.67 1.66 -5.50
CA ALA B 86 11.60 1.77 -4.38
C ALA B 86 11.21 0.85 -3.23
N TYR B 87 9.93 0.85 -2.84
CA TYR B 87 9.52 -0.02 -1.73
C TYR B 87 9.78 -1.48 -2.08
N SER B 88 9.53 -1.88 -3.35
CA SER B 88 9.70 -3.29 -3.68
C SER B 88 11.15 -3.72 -3.51
N LEU B 89 12.11 -2.83 -3.79
CA LEU B 89 13.51 -3.21 -3.65
C LEU B 89 13.90 -3.29 -2.18
N VAL B 90 13.37 -2.39 -1.34
CA VAL B 90 13.66 -2.47 0.09
C VAL B 90 13.25 -3.82 0.64
N HIS B 91 12.06 -4.30 0.27
CA HIS B 91 11.63 -5.61 0.76
C HIS B 91 12.38 -6.75 0.08
N ASP B 92 12.67 -6.60 -1.22
CA ASP B 92 13.42 -7.62 -1.97
CA ASP B 92 13.40 -7.64 -1.94
C ASP B 92 14.79 -7.86 -1.36
N ASP B 93 15.42 -6.81 -0.83
CA ASP B 93 16.78 -6.95 -0.30
C ASP B 93 16.83 -7.66 1.04
N LEU B 94 15.69 -7.78 1.73
CA LEU B 94 15.64 -8.33 3.09
C LEU B 94 16.20 -9.76 3.14
N PRO B 95 16.71 -10.17 4.30
CA PRO B 95 17.29 -11.53 4.42
C PRO B 95 16.33 -12.64 4.03
N ALA B 96 15.03 -12.49 4.30
CA ALA B 96 14.08 -13.55 3.96
C ALA B 96 13.82 -13.61 2.46
N MET B 97 14.19 -12.56 1.73
CA MET B 97 13.97 -12.46 0.30
C MET B 97 15.29 -12.71 -0.40
N ASP B 98 15.87 -11.70 -1.06
CA ASP B 98 17.12 -11.92 -1.78
C ASP B 98 18.35 -11.81 -0.90
N ASP B 99 18.25 -11.22 0.30
CA ASP B 99 19.32 -11.20 1.28
C ASP B 99 20.56 -10.48 0.75
N ASP B 100 20.41 -9.20 0.45
CA ASP B 100 21.47 -8.37 -0.12
C ASP B 100 21.97 -7.34 0.89
N ALA B 101 23.29 -7.23 1.03
CA ALA B 101 23.89 -6.21 1.88
C ALA B 101 24.19 -4.91 1.15
N LEU B 102 24.37 -4.95 -0.17
CA LEU B 102 24.66 -3.75 -0.95
C LEU B 102 23.70 -3.64 -2.12
N ARG B 103 23.38 -2.39 -2.45
CA ARG B 103 22.64 -2.04 -3.66
C ARG B 103 23.26 -0.78 -4.22
N ARG B 104 23.72 -0.84 -5.48
CA ARG B 104 24.41 0.30 -6.11
C ARG B 104 25.61 0.76 -5.27
N GLY B 105 26.38 -0.19 -4.75
CA GLY B 105 27.57 0.15 -4.02
C GLY B 105 27.37 0.76 -2.64
N LYS B 106 26.13 0.87 -2.17
CA LYS B 106 25.81 1.38 -0.85
C LYS B 106 25.04 0.33 -0.07
N PRO B 107 25.07 0.36 1.26
CA PRO B 107 24.29 -0.59 2.03
C PRO B 107 22.81 -0.53 1.68
N THR B 108 22.19 -1.70 1.69
CA THR B 108 20.75 -1.78 1.58
C THR B 108 20.09 -1.16 2.81
N THR B 109 18.81 -0.88 2.69
CA THR B 109 18.15 -0.14 3.77
C THR B 109 18.20 -0.91 5.09
N HIS B 110 18.01 -2.23 5.07
CA HIS B 110 18.00 -2.95 6.34
C HIS B 110 19.40 -3.05 6.94
N VAL B 111 20.44 -2.84 6.13
CA VAL B 111 21.80 -2.80 6.67
C VAL B 111 22.11 -1.42 7.24
N ALA B 112 21.73 -0.35 6.51
CA ALA B 112 21.96 1.01 6.98
C ALA B 112 21.14 1.32 8.23
N PHE B 113 20.00 0.66 8.37
CA PHE B 113 19.11 0.85 9.50
C PHE B 113 18.99 -0.49 10.22
N ASP B 114 17.84 -1.16 10.07
CA ASP B 114 17.67 -2.52 10.59
C ASP B 114 16.47 -3.13 9.86
N GLU B 115 16.22 -4.41 10.12
CA GLU B 115 15.19 -5.09 9.34
C GLU B 115 13.79 -4.54 9.61
N ALA B 116 13.45 -4.30 10.89
CA ALA B 116 12.11 -3.80 11.20
C ALA B 116 11.88 -2.43 10.56
N THR B 117 12.88 -1.54 10.66
CA THR B 117 12.77 -0.23 10.03
C THR B 117 12.62 -0.34 8.51
N ALA B 118 13.37 -1.26 7.89
CA ALA B 118 13.23 -1.45 6.44
C ALA B 118 11.84 -1.97 6.08
N ILE B 119 11.32 -2.96 6.83
CA ILE B 119 9.98 -3.45 6.55
C ILE B 119 8.98 -2.31 6.56
N LEU B 120 9.02 -1.49 7.62
CA LEU B 120 8.08 -0.38 7.77
C LEU B 120 8.32 0.70 6.74
N ALA B 121 9.60 0.99 6.42
CA ALA B 121 9.88 2.00 5.39
C ALA B 121 9.28 1.58 4.06
N GLY B 122 9.44 0.31 3.69
CA GLY B 122 8.79 -0.18 2.48
C GLY B 122 7.27 -0.01 2.53
N ASP B 123 6.67 -0.39 3.65
CA ASP B 123 5.22 -0.28 3.81
C ASP B 123 4.78 1.16 3.65
N ALA B 124 5.52 2.09 4.24
CA ALA B 124 5.12 3.49 4.22
C ALA B 124 5.34 4.13 2.85
N LEU B 125 6.39 3.71 2.12
CA LEU B 125 6.57 4.21 0.75
C LEU B 125 5.44 3.75 -0.15
N GLN B 126 4.98 2.50 0.01
CA GLN B 126 3.82 2.07 -0.77
C GLN B 126 2.62 2.97 -0.49
N THR B 127 2.33 3.22 0.79
CA THR B 127 1.18 4.08 1.09
C THR B 127 1.38 5.48 0.50
N ARG B 128 2.58 6.03 0.62
CA ARG B 128 2.81 7.39 0.12
C ARG B 128 2.56 7.47 -1.39
N ALA B 129 2.92 6.42 -2.11
CA ALA B 129 2.67 6.41 -3.56
C ALA B 129 1.19 6.60 -3.85
N PHE B 130 0.32 5.86 -3.14
CA PHE B 130 -1.11 6.03 -3.36
C PHE B 130 -1.62 7.38 -2.85
N GLY B 131 -1.13 7.85 -1.71
CA GLY B 131 -1.59 9.13 -1.20
C GLY B 131 -1.22 10.28 -2.12
N LEU B 132 -0.03 10.23 -2.72
CA LEU B 132 0.36 11.31 -3.62
C LEU B 132 -0.55 11.40 -4.84
N LEU B 133 -0.91 10.25 -5.42
CA LEU B 133 -1.85 10.28 -6.55
C LEU B 133 -3.21 10.80 -6.10
N ALA B 134 -3.69 10.33 -4.94
CA ALA B 134 -5.00 10.74 -4.46
C ALA B 134 -5.05 12.25 -4.18
N ASP B 135 -3.94 12.85 -3.76
CA ASP B 135 -3.88 14.26 -3.44
C ASP B 135 -3.49 15.13 -4.63
N ALA B 136 -3.26 14.55 -5.80
CA ALA B 136 -2.70 15.29 -6.92
C ALA B 136 -3.63 16.40 -7.42
N PRO B 137 -3.06 17.52 -7.91
CA PRO B 137 -3.88 18.61 -8.47
C PRO B 137 -4.41 18.29 -9.86
N LEU B 138 -5.25 17.27 -9.94
CA LEU B 138 -5.76 16.73 -11.19
C LEU B 138 -7.23 16.41 -11.00
N PRO B 139 -8.00 16.37 -12.09
CA PRO B 139 -9.40 15.91 -11.99
C PRO B 139 -9.50 14.59 -11.24
N ALA B 140 -10.55 14.45 -10.41
CA ALA B 140 -10.73 13.21 -9.65
C ALA B 140 -10.85 12.00 -10.59
N THR B 141 -11.52 12.16 -11.74
CA THR B 141 -11.63 11.01 -12.64
C THR B 141 -10.26 10.56 -13.12
N LEU B 142 -9.36 11.51 -13.38
CA LEU B 142 -8.00 11.16 -13.79
C LEU B 142 -7.21 10.55 -12.64
N ARG B 143 -7.35 11.11 -11.42
CA ARG B 143 -6.68 10.51 -10.28
C ARG B 143 -7.12 9.07 -10.08
N VAL B 144 -8.42 8.82 -10.18
CA VAL B 144 -8.93 7.46 -9.99
C VAL B 144 -8.39 6.52 -11.06
N ALA B 145 -8.33 6.96 -12.32
CA ALA B 145 -7.81 6.09 -13.37
C ALA B 145 -6.34 5.74 -13.13
N CYS B 146 -5.56 6.70 -12.66
CA CYS B 146 -4.16 6.42 -12.36
C CYS B 146 -4.05 5.50 -11.15
N LEU B 147 -4.85 5.74 -10.11
CA LEU B 147 -4.82 4.89 -8.93
C LEU B 147 -5.23 3.46 -9.27
N GLN B 148 -6.26 3.29 -10.09
CA GLN B 148 -6.63 1.96 -10.57
C GLN B 148 -5.45 1.30 -11.30
N THR B 149 -4.80 2.05 -12.18
CA THR B 149 -3.70 1.50 -12.95
C THR B 149 -2.57 1.05 -12.03
N LEU B 150 -2.25 1.87 -11.03
CA LEU B 150 -1.13 1.56 -10.14
C LEU B 150 -1.45 0.36 -9.27
N ALA B 151 -2.66 0.32 -8.71
CA ALA B 151 -2.99 -0.79 -7.82
C ALA B 151 -2.96 -2.10 -8.59
N HIS B 152 -3.59 -2.14 -9.78
CA HIS B 152 -3.64 -3.38 -10.55
C HIS B 152 -2.24 -3.88 -10.89
N ALA B 153 -1.34 -2.97 -11.26
CA ALA B 153 0.01 -3.33 -11.68
C ALA B 153 0.93 -3.68 -10.52
N SER B 154 0.62 -3.22 -9.31
CA SER B 154 1.56 -3.35 -8.21
C SER B 154 1.26 -4.52 -7.27
N GLY B 155 0.06 -5.07 -7.30
CA GLY B 155 -0.38 -6.05 -6.30
C GLY B 155 -0.17 -7.48 -6.73
N ALA B 156 -1.03 -8.37 -6.24
CA ALA B 156 -0.92 -9.80 -6.49
C ALA B 156 -1.06 -10.16 -7.96
N SER B 157 -1.76 -9.36 -8.76
CA SER B 157 -1.87 -9.61 -10.19
CA SER B 157 -1.86 -9.62 -10.18
C SER B 157 -0.76 -8.94 -10.98
N GLY B 158 0.16 -8.27 -10.30
CA GLY B 158 1.26 -7.61 -10.95
C GLY B 158 2.54 -7.84 -10.16
N MET B 159 3.18 -6.77 -9.72
CA MET B 159 4.53 -6.84 -9.18
C MET B 159 4.66 -7.86 -8.06
N CYS B 160 3.81 -7.75 -7.03
CA CYS B 160 3.86 -8.70 -5.92
C CYS B 160 3.71 -10.15 -6.39
N GLY B 161 2.76 -10.40 -7.29
CA GLY B 161 2.60 -11.76 -7.80
C GLY B 161 3.84 -12.26 -8.51
N GLY B 162 4.50 -11.38 -9.28
CA GLY B 162 5.70 -11.79 -9.97
C GLY B 162 6.84 -12.08 -9.02
N GLN B 163 6.98 -11.25 -7.97
CA GLN B 163 7.97 -11.54 -6.93
C GLN B 163 7.72 -12.91 -6.31
N ALA B 164 6.45 -13.22 -6.03
CA ALA B 164 6.14 -14.54 -5.44
C ALA B 164 6.49 -15.67 -6.41
N LEU B 165 6.15 -15.49 -7.69
CA LEU B 165 6.50 -16.50 -8.69
C LEU B 165 8.01 -16.75 -8.69
N ASP B 166 8.79 -15.66 -8.64
CA ASP B 166 10.24 -15.76 -8.65
C ASP B 166 10.74 -16.58 -7.48
N ILE B 167 10.29 -16.26 -6.27
CA ILE B 167 10.72 -17.01 -5.08
C ILE B 167 10.29 -18.47 -5.17
N ASP B 168 9.07 -18.73 -5.66
CA ASP B 168 8.60 -20.11 -5.74
C ASP B 168 9.43 -20.94 -6.70
N ALA B 169 10.06 -20.31 -7.69
CA ALA B 169 10.84 -21.00 -8.69
C ALA B 169 12.32 -21.12 -8.31
N THR B 170 12.71 -20.60 -7.15
CA THR B 170 14.09 -20.69 -6.67
C THR B 170 14.59 -22.12 -6.76
N GLY B 171 15.71 -22.32 -7.45
CA GLY B 171 16.30 -23.63 -7.60
C GLY B 171 15.64 -24.52 -8.63
N GLN B 172 14.55 -24.08 -9.24
CA GLN B 172 13.86 -24.85 -10.27
C GLN B 172 14.22 -24.29 -11.64
N GLN B 173 14.13 -25.15 -12.65
CA GLN B 173 14.29 -24.75 -14.04
C GLN B 173 12.92 -24.34 -14.58
N GLN B 174 12.80 -23.10 -15.03
CA GLN B 174 11.56 -22.59 -15.58
C GLN B 174 11.57 -22.69 -17.09
N THR B 175 10.40 -22.95 -17.68
CA THR B 175 10.28 -22.86 -19.12
C THR B 175 10.43 -21.41 -19.57
N LEU B 176 10.68 -21.23 -20.87
CA LEU B 176 10.75 -19.89 -21.41
C LEU B 176 9.43 -19.14 -21.21
N ALA B 177 8.31 -19.84 -21.37
CA ALA B 177 7.00 -19.19 -21.20
C ALA B 177 6.79 -18.76 -19.75
N ALA B 178 7.12 -19.63 -18.80
CA ALA B 178 6.95 -19.30 -17.38
C ALA B 178 7.85 -18.14 -16.98
N LEU B 179 9.11 -18.17 -17.41
CA LEU B 179 10.05 -17.09 -17.08
C LEU B 179 9.56 -15.77 -17.64
N THR B 180 9.03 -15.79 -18.88
CA THR B 180 8.50 -14.59 -19.49
C THR B 180 7.25 -14.11 -18.77
N ARG B 181 6.39 -15.06 -18.38
CA ARG B 181 5.21 -14.70 -17.58
C ARG B 181 5.63 -14.10 -16.24
N MET B 182 6.63 -14.69 -15.59
CA MET B 182 7.09 -14.17 -14.31
CA MET B 182 7.08 -14.17 -14.31
C MET B 182 7.57 -12.74 -14.45
N HIS B 183 8.35 -12.45 -15.49
CA HIS B 183 8.87 -11.09 -15.62
C HIS B 183 7.76 -10.11 -16.01
N ALA B 184 6.76 -10.57 -16.78
CA ALA B 184 5.66 -9.71 -17.16
C ALA B 184 4.92 -9.16 -15.93
N LEU B 185 4.79 -9.98 -14.89
CA LEU B 185 4.23 -9.49 -13.63
C LEU B 185 5.27 -8.78 -12.79
N LYS B 186 6.46 -9.35 -12.65
CA LYS B 186 7.40 -8.85 -11.64
C LYS B 186 7.87 -7.44 -11.93
N THR B 187 8.22 -7.15 -13.18
CA THR B 187 8.60 -5.80 -13.57
C THR B 187 7.87 -5.27 -14.80
N GLY B 188 7.29 -6.14 -15.63
CA GLY B 188 6.59 -5.66 -16.81
C GLY B 188 5.38 -4.81 -16.48
N ALA B 189 4.61 -5.23 -15.46
CA ALA B 189 3.34 -4.56 -15.17
C ALA B 189 3.55 -3.11 -14.74
N LEU B 190 4.52 -2.88 -13.86
CA LEU B 190 4.72 -1.51 -13.38
C LEU B 190 5.31 -0.62 -14.46
N ILE B 191 6.12 -1.19 -15.36
CA ILE B 191 6.61 -0.37 -16.47
C ILE B 191 5.46 0.03 -17.38
N ARG B 192 4.55 -0.91 -17.68
CA ARG B 192 3.37 -0.59 -18.47
C ARG B 192 2.52 0.44 -17.75
N ALA B 193 2.42 0.34 -16.41
CA ALA B 193 1.65 1.32 -15.67
C ALA B 193 2.23 2.72 -15.82
N ALA B 194 3.57 2.83 -15.79
CA ALA B 194 4.17 4.16 -15.93
C ALA B 194 3.81 4.79 -17.26
N VAL B 195 3.92 4.03 -18.34
CA VAL B 195 3.58 4.56 -19.66
C VAL B 195 2.08 4.89 -19.74
N ARG B 196 1.24 4.01 -19.18
CA ARG B 196 -0.20 4.24 -19.22
C ARG B 196 -0.56 5.51 -18.47
N MET B 197 0.00 5.71 -17.26
CA MET B 197 -0.37 6.88 -16.48
C MET B 197 0.07 8.17 -17.15
N GLY B 198 1.27 8.20 -17.73
CA GLY B 198 1.67 9.38 -18.49
C GLY B 198 0.69 9.69 -19.62
N ALA B 199 0.22 8.64 -20.31
CA ALA B 199 -0.69 8.84 -21.43
C ALA B 199 -2.08 9.26 -20.95
N LEU B 200 -2.54 8.71 -19.83
CA LEU B 200 -3.79 9.18 -19.24
C LEU B 200 -3.71 10.65 -18.87
N CYS B 201 -2.60 11.07 -18.26
CA CYS B 201 -2.46 12.48 -17.92
C CYS B 201 -2.37 13.33 -19.17
N GLY B 202 -1.89 12.74 -20.27
CA GLY B 202 -1.92 13.38 -21.56
C GLY B 202 -3.23 13.28 -22.29
N GLN B 203 -4.26 12.71 -21.66
CA GLN B 203 -5.60 12.58 -22.27
C GLN B 203 -5.55 11.77 -23.56
N ALA B 204 -4.80 10.67 -23.54
CA ALA B 204 -4.67 9.79 -24.69
C ALA B 204 -5.98 9.08 -25.01
N HIS B 205 -6.18 8.80 -26.29
CA HIS B 205 -7.32 8.02 -26.75
C HIS B 205 -6.98 6.53 -26.73
N GLU B 206 -8.03 5.70 -26.61
CA GLU B 206 -7.87 4.25 -26.46
C GLU B 206 -6.88 3.62 -27.45
N PRO B 207 -6.90 3.93 -28.75
CA PRO B 207 -5.92 3.31 -29.64
C PRO B 207 -4.48 3.66 -29.30
N GLN B 208 -4.24 4.91 -28.92
CA GLN B 208 -2.90 5.31 -28.51
C GLN B 208 -2.49 4.59 -27.22
N LEU B 209 -3.42 4.43 -26.28
CA LEU B 209 -3.09 3.70 -25.05
C LEU B 209 -2.69 2.27 -25.37
N ALA B 210 -3.43 1.62 -26.27
CA ALA B 210 -3.11 0.24 -26.64
C ALA B 210 -1.77 0.18 -27.37
N GLN B 211 -1.53 1.12 -28.27
CA GLN B 211 -0.23 1.23 -28.94
CA GLN B 211 -0.24 1.20 -28.94
C GLN B 211 0.90 1.38 -27.93
N LEU B 212 0.78 2.36 -27.04
CA LEU B 212 1.83 2.59 -26.05
C LEU B 212 1.98 1.40 -25.10
N ASP B 213 0.90 0.68 -24.82
CA ASP B 213 1.01 -0.50 -23.97
C ASP B 213 1.81 -1.61 -24.67
N SER B 214 1.64 -1.75 -26.00
CA SER B 214 2.47 -2.69 -26.74
C SER B 214 3.93 -2.30 -26.68
N PHE B 215 4.21 -1.02 -26.85
CA PHE B 215 5.57 -0.52 -26.70
C PHE B 215 6.10 -0.79 -25.30
N ALA B 216 5.29 -0.50 -24.27
CA ALA B 216 5.77 -0.64 -22.91
C ALA B 216 5.99 -2.09 -22.54
N ASP B 217 5.17 -2.98 -23.08
CA ASP B 217 5.33 -4.40 -22.86
C ASP B 217 6.68 -4.87 -23.40
N ALA B 218 6.99 -4.47 -24.64
CA ALA B 218 8.29 -4.81 -25.22
C ALA B 218 9.43 -4.18 -24.42
N LEU B 219 9.25 -2.94 -23.96
CA LEU B 219 10.32 -2.28 -23.24
C LEU B 219 10.62 -2.98 -21.93
N GLY B 220 9.58 -3.39 -21.20
CA GLY B 220 9.82 -4.05 -19.92
C GLY B 220 10.59 -5.35 -20.08
N LEU B 221 10.25 -6.12 -21.11
CA LEU B 221 10.98 -7.36 -21.37
C LEU B 221 12.42 -7.07 -21.78
N ALA B 222 12.61 -6.12 -22.71
CA ALA B 222 13.96 -5.80 -23.14
C ALA B 222 14.83 -5.37 -21.97
N PHE B 223 14.30 -4.52 -21.10
CA PHE B 223 15.04 -4.07 -19.93
C PHE B 223 15.48 -5.26 -19.08
N GLN B 224 14.59 -6.21 -18.85
CA GLN B 224 14.97 -7.38 -18.08
C GLN B 224 16.03 -8.23 -18.81
N VAL B 225 15.84 -8.46 -20.11
CA VAL B 225 16.81 -9.25 -20.86
C VAL B 225 18.19 -8.59 -20.78
N ARG B 226 18.24 -7.26 -20.91
CA ARG B 226 19.51 -6.55 -20.85
C ARG B 226 20.14 -6.64 -19.46
N ASP B 227 19.33 -6.57 -18.40
CA ASP B 227 19.87 -6.74 -17.05
C ASP B 227 20.44 -8.14 -16.84
N ASP B 228 19.83 -9.16 -17.45
CA ASP B 228 20.38 -10.50 -17.36
C ASP B 228 21.71 -10.60 -18.09
N ILE B 229 21.78 -10.03 -19.30
CA ILE B 229 23.04 -10.03 -20.05
C ILE B 229 24.13 -9.33 -19.27
N LEU B 230 23.84 -8.15 -18.74
CA LEU B 230 24.82 -7.43 -17.92
C LEU B 230 25.23 -8.23 -16.70
N ASP B 231 24.28 -8.92 -16.07
CA ASP B 231 24.60 -9.72 -14.87
C ASP B 231 25.65 -10.78 -15.18
N VAL B 232 25.53 -11.44 -16.34
CA VAL B 232 26.51 -12.46 -16.70
C VAL B 232 27.84 -11.81 -17.09
N GLU B 233 27.78 -10.67 -17.78
CA GLU B 233 29.00 -9.97 -18.15
C GLU B 233 29.66 -9.35 -16.92
N SER B 252 16.84 -19.37 -13.20
CA SER B 252 16.58 -19.40 -14.64
C SER B 252 16.48 -17.99 -15.22
N THR B 253 17.35 -17.69 -16.19
CA THR B 253 17.39 -16.39 -16.83
C THR B 253 17.28 -16.58 -18.35
N PHE B 254 17.10 -15.46 -19.06
CA PHE B 254 17.08 -15.52 -20.51
C PHE B 254 18.40 -16.01 -21.10
N PRO B 255 19.57 -15.55 -20.65
CA PRO B 255 20.81 -16.18 -21.12
C PRO B 255 20.87 -17.67 -20.80
N ALA B 256 20.42 -18.08 -19.62
CA ALA B 256 20.49 -19.49 -19.27
C ALA B 256 19.60 -20.33 -20.18
N LEU B 257 18.45 -19.80 -20.58
CA LEU B 257 17.53 -20.56 -21.42
C LEU B 257 17.84 -20.45 -22.89
N LEU B 258 18.28 -19.28 -23.36
CA LEU B 258 18.49 -19.03 -24.78
C LEU B 258 19.96 -19.00 -25.17
N GLY B 259 20.87 -19.14 -24.22
CA GLY B 259 22.25 -18.79 -24.46
C GLY B 259 22.46 -17.29 -24.43
N MET B 260 23.71 -16.88 -24.22
CA MET B 260 24.03 -15.46 -24.28
C MET B 260 23.72 -14.88 -25.65
N ASP B 261 23.97 -15.66 -26.71
CA ASP B 261 23.70 -15.20 -28.06
C ASP B 261 22.20 -15.13 -28.34
N GLY B 262 21.44 -16.12 -27.85
CA GLY B 262 20.00 -16.07 -28.05
C GLY B 262 19.35 -14.93 -27.30
N ALA B 263 19.85 -14.63 -26.10
CA ALA B 263 19.34 -13.49 -25.35
C ALA B 263 19.58 -12.19 -26.11
N LYS B 264 20.76 -12.05 -26.73
CA LYS B 264 21.08 -10.84 -27.46
C LYS B 264 20.23 -10.72 -28.72
N ALA B 265 19.95 -11.84 -29.38
CA ALA B 265 19.07 -11.80 -30.55
C ALA B 265 17.67 -11.37 -30.16
N GLN B 266 17.17 -11.87 -29.03
CA GLN B 266 15.85 -11.46 -28.56
C GLN B 266 15.81 -9.97 -28.26
N LEU B 267 16.89 -9.45 -27.67
CA LEU B 267 16.99 -8.02 -27.39
C LEU B 267 16.87 -7.20 -28.66
N HIS B 268 17.59 -7.60 -29.72
CA HIS B 268 17.56 -6.85 -30.96
C HIS B 268 16.19 -6.89 -31.60
N GLU B 269 15.48 -8.02 -31.46
CA GLU B 269 14.13 -8.11 -31.99
C GLU B 269 13.18 -7.19 -31.23
N LEU B 270 13.36 -7.11 -29.90
CA LEU B 270 12.55 -6.19 -29.11
C LEU B 270 12.85 -4.74 -29.48
N ALA B 271 14.13 -4.42 -29.70
CA ALA B 271 14.49 -3.07 -30.12
C ALA B 271 13.75 -2.67 -31.40
N ALA B 272 13.72 -3.57 -32.38
CA ALA B 272 13.07 -3.23 -33.65
C ALA B 272 11.57 -3.10 -33.49
N ARG B 273 10.96 -3.94 -32.65
CA ARG B 273 9.53 -3.81 -32.37
C ARG B 273 9.23 -2.47 -31.73
N MET B 274 10.02 -2.06 -30.75
CA MET B 274 9.74 -0.79 -30.09
C MET B 274 9.83 0.37 -31.09
N GLN B 275 10.86 0.38 -31.92
CA GLN B 275 10.96 1.49 -32.86
C GLN B 275 9.85 1.44 -33.90
N SER B 276 9.44 0.22 -34.30
CA SER B 276 8.34 0.08 -35.27
C SER B 276 7.04 0.67 -34.72
N ILE B 277 6.75 0.40 -33.44
CA ILE B 277 5.46 0.82 -32.87
C ILE B 277 5.35 2.36 -32.87
N LEU B 278 6.45 3.06 -32.61
CA LEU B 278 6.44 4.51 -32.54
C LEU B 278 6.77 5.20 -33.85
N ALA B 279 6.88 4.45 -34.94
CA ALA B 279 7.50 4.95 -36.15
C ALA B 279 6.71 6.09 -36.79
N ARG B 280 5.39 6.09 -36.62
CA ARG B 280 4.60 7.08 -37.35
C ARG B 280 4.59 8.44 -36.67
N TYR B 281 5.08 8.53 -35.43
CA TYR B 281 5.07 9.77 -34.69
C TYR B 281 6.20 10.69 -35.13
N GLY B 282 6.03 11.98 -34.82
CA GLY B 282 7.06 12.98 -35.03
C GLY B 282 8.00 13.08 -33.86
N GLU B 283 8.68 14.23 -33.76
CA GLU B 283 9.74 14.36 -32.78
C GLU B 283 9.23 14.24 -31.35
N GLU B 284 7.92 14.42 -31.13
CA GLU B 284 7.36 14.29 -29.79
C GLU B 284 7.54 12.89 -29.21
N ALA B 285 7.79 11.88 -30.05
CA ALA B 285 8.07 10.55 -29.54
C ALA B 285 9.56 10.30 -29.30
N ASP B 286 10.43 11.29 -29.54
CA ASP B 286 11.86 11.03 -29.41
C ASP B 286 12.24 10.65 -27.98
N ALA B 287 11.55 11.21 -26.99
CA ALA B 287 11.87 10.86 -25.60
C ALA B 287 11.62 9.38 -25.35
N LEU B 288 10.46 8.88 -25.77
CA LEU B 288 10.19 7.44 -25.62
C LEU B 288 11.16 6.60 -26.43
N ARG B 289 11.45 7.01 -27.68
CA ARG B 289 12.39 6.26 -28.50
C ARG B 289 13.74 6.15 -27.80
N ALA B 290 14.19 7.24 -27.17
CA ALA B 290 15.48 7.21 -26.48
C ALA B 290 15.45 6.30 -25.27
N LEU B 291 14.31 6.21 -24.57
CA LEU B 291 14.21 5.26 -23.45
C LEU B 291 14.25 3.82 -23.95
N ALA B 292 13.65 3.56 -25.12
CA ALA B 292 13.76 2.23 -25.72
C ALA B 292 15.21 1.90 -26.01
N THR B 293 15.93 2.84 -26.62
CA THR B 293 17.34 2.62 -26.91
C THR B 293 18.14 2.40 -25.63
N LEU B 294 17.84 3.18 -24.59
CA LEU B 294 18.52 3.02 -23.31
C LEU B 294 18.30 1.63 -22.74
N ALA B 295 17.05 1.17 -22.73
CA ALA B 295 16.75 -0.15 -22.16
C ALA B 295 17.55 -1.25 -22.83
N VAL B 296 17.95 -1.05 -24.08
CA VAL B 296 18.61 -2.11 -24.84
C VAL B 296 20.12 -1.97 -24.79
N GLU B 297 20.61 -0.73 -24.76
CA GLU B 297 22.02 -0.47 -25.04
C GLU B 297 22.81 -0.02 -23.82
N ARG B 298 22.17 0.22 -22.69
CA ARG B 298 22.88 0.81 -21.55
C ARG B 298 23.98 -0.11 -21.05
N ASP B 299 25.10 0.50 -20.66
CA ASP B 299 26.19 -0.24 -20.02
C ASP B 299 25.98 -0.41 -18.52
N HIS B 300 24.95 0.21 -17.95
CA HIS B 300 24.73 0.17 -16.50
C HIS B 300 23.34 -0.35 -16.17
CL CL C . -32.17 -0.91 10.44
C1 EDO D . 8.87 -18.90 10.55
O1 EDO D . 9.93 -17.92 10.55
C2 EDO D . 8.99 -19.80 9.34
O2 EDO D . 7.78 -20.54 9.14
C1 EDO E . 4.33 -17.19 -2.39
O1 EDO E . 3.95 -17.60 -3.73
C2 EDO E . 5.72 -16.56 -2.25
O2 EDO E . 6.73 -17.57 -2.07
C1 EDO F . -10.85 15.74 18.11
O1 EDO F . -12.12 15.63 18.77
C2 EDO F . -10.75 14.68 17.03
O2 EDO F . -11.32 15.26 15.84
#